data_9RXH
#
_entry.id   9RXH
#
_cell.length_a   137.786
_cell.length_b   137.786
_cell.length_c   59.214
_cell.angle_alpha   90.00
_cell.angle_beta   90.00
_cell.angle_gamma   120.00
#
_symmetry.space_group_name_H-M   'P 32 2 1'
#
loop_
_entity.id
_entity.type
_entity.pdbx_description
1 polymer 'Cytochrome P450'
2 non-polymer 'PROTOPORPHYRIN IX CONTAINING FE'
3 non-polymer 'Elaidic acid'
4 non-polymer 'ACETATE ION'
5 water water
#
_entity_poly.entity_id   1
_entity_poly.type   'polypeptide(L)'
_entity_poly.pdbx_seq_one_letter_code
;MGKQIPKDRGLDSTLKVLKEGYKYVPNRLEKFDTNIFELRALGGRRTVVFSGKEAAEIFYNNELIERQGTLPKRVVNTLF
GKGAIHTTGGKKHIDRKALFMSLMTEENLEYLRELTRSTWFMNTERMERMDEVNVYKESIILLTKVGFRWAGIIASPEEI
ESCAKDMDTMIDSFKNIGTAFKGYREAKKARDRVETFLENQIIAVREGKLTPPQGTALHEFSHWEDFEGNLMDSRLCAID
LMNVVRPLVAINRFVSFGVKALHDYPGEAEKVFNNENDYAYKFVQEVRRFYPFVPFLPGKAAVDIEFDGYKIEKDTFLVL
DIYGTLHREGLWENPERFYPNRFSDWDGSPFDLIPQGGGDYYTNHRCAGEWMTIIIMEESMKYFARNISYDMKKDQDLSV
NLNKLPGRVVSGTIIENVNALVNRNVESV
;
_entity_poly.pdbx_strand_id   B
#
loop_
_chem_comp.id
_chem_comp.type
_chem_comp.name
_chem_comp.formula
ACT non-polymer 'ACETATE ION' 'C2 H3 O2 -1'
ELA non-polymer 'Elaidic acid' 'C18 H34 O2'
HEM non-polymer 'PROTOPORPHYRIN IX CONTAINING FE' 'C34 H32 Fe N4 O4'
#
# COMPACT_ATOMS: atom_id res chain seq x y z
N GLY A 2 17.03 -34.93 5.44
CA GLY A 2 16.48 -33.56 5.44
C GLY A 2 15.82 -33.23 6.78
N LYS A 3 16.18 -32.07 7.31
CA LYS A 3 15.38 -31.41 8.32
C LYS A 3 13.96 -31.21 7.78
N GLN A 4 12.98 -31.50 8.62
CA GLN A 4 11.58 -31.39 8.26
C GLN A 4 11.06 -29.99 8.62
N ILE A 5 10.51 -29.31 7.64
CA ILE A 5 9.83 -28.02 7.83
C ILE A 5 8.71 -28.19 8.88
N PRO A 6 8.69 -27.40 9.96
CA PRO A 6 7.67 -27.55 10.98
C PRO A 6 6.29 -27.31 10.36
N LYS A 7 5.32 -28.11 10.83
CA LYS A 7 3.97 -28.02 10.27
C LYS A 7 2.99 -27.44 11.29
N ASP A 8 2.21 -26.46 10.87
CA ASP A 8 0.98 -26.08 11.54
C ASP A 8 -0.08 -27.09 11.04
N ARG A 9 -0.50 -27.99 11.90
CA ARG A 9 -1.24 -29.18 11.55
C ARG A 9 -2.74 -28.90 11.30
N GLY A 10 -3.36 -29.74 10.48
CA GLY A 10 -4.76 -29.56 10.12
C GLY A 10 -4.90 -29.69 8.60
N LEU A 11 -6.00 -30.28 8.12
CA LEU A 11 -6.24 -30.38 6.69
C LEU A 11 -6.33 -29.03 6.04
N ASP A 12 -6.82 -28.03 6.75
CA ASP A 12 -6.94 -26.68 6.23
C ASP A 12 -6.98 -25.70 7.39
N SER A 13 -5.97 -24.81 7.49
CA SER A 13 -5.80 -23.92 8.60
C SER A 13 -6.14 -22.49 8.21
N THR A 14 -6.78 -22.29 7.06
CA THR A 14 -7.15 -20.97 6.60
C THR A 14 -7.88 -20.15 7.69
N LEU A 15 -8.84 -20.73 8.41
CA LEU A 15 -9.62 -19.97 9.40
C LEU A 15 -8.74 -19.53 10.58
N LYS A 16 -7.70 -20.30 10.94
CA LYS A 16 -6.71 -19.86 11.93
C LYS A 16 -5.91 -18.65 11.45
N VAL A 17 -5.59 -18.60 10.16
CA VAL A 17 -4.89 -17.44 9.65
C VAL A 17 -5.80 -16.21 9.80
N LEU A 18 -7.06 -16.33 9.42
CA LEU A 18 -7.96 -15.17 9.44
C LEU A 18 -8.26 -14.78 10.90
N LYS A 19 -8.23 -15.75 11.83
CA LYS A 19 -8.52 -15.43 13.21
C LYS A 19 -7.33 -14.66 13.80
N GLU A 20 -6.11 -14.96 13.39
CA GLU A 20 -4.93 -14.34 14.02
C GLU A 20 -4.40 -13.13 13.22
N GLY A 21 -4.77 -13.07 11.93
CA GLY A 21 -4.45 -11.95 11.08
C GLY A 21 -2.94 -11.69 11.06
N TYR A 22 -2.48 -10.43 11.27
CA TYR A 22 -1.06 -10.17 11.11
C TYR A 22 -0.19 -10.99 12.08
N LYS A 23 -0.80 -11.49 13.17
CA LYS A 23 -0.04 -12.26 14.16
C LYS A 23 0.12 -13.74 13.81
N TYR A 24 -0.63 -14.23 12.81
CA TYR A 24 -0.60 -15.65 12.46
C TYR A 24 0.85 -16.07 12.24
N VAL A 25 1.52 -15.39 11.30
CA VAL A 25 2.86 -15.81 10.90
C VAL A 25 3.85 -15.65 12.08
N PRO A 26 3.99 -14.45 12.72
CA PRO A 26 4.92 -14.33 13.83
C PRO A 26 4.68 -15.34 14.96
N ASN A 27 3.40 -15.70 15.18
CA ASN A 27 3.05 -16.62 16.26
C ASN A 27 3.65 -17.99 16.01
N ARG A 28 3.67 -18.40 14.75
CA ARG A 28 4.16 -19.71 14.37
C ARG A 28 5.70 -19.65 14.34
N LEU A 29 6.28 -18.57 13.83
CA LEU A 29 7.73 -18.36 13.87
C LEU A 29 8.23 -18.54 15.30
N GLU A 30 7.51 -17.97 16.27
CA GLU A 30 7.89 -17.99 17.66
C GLU A 30 7.63 -19.39 18.22
N LYS A 31 6.51 -20.04 17.90
CA LYS A 31 6.20 -21.35 18.47
C LYS A 31 7.18 -22.41 17.96
N PHE A 32 7.56 -22.39 16.67
CA PHE A 32 8.45 -23.41 16.17
C PHE A 32 9.91 -22.99 16.28
N ASP A 33 10.13 -21.73 16.67
CA ASP A 33 11.45 -21.13 16.74
C ASP A 33 12.20 -21.30 15.41
N THR A 34 11.70 -20.67 14.35
CA THR A 34 12.11 -20.94 12.99
C THR A 34 11.85 -19.69 12.17
N ASN A 35 12.43 -19.70 10.97
CA ASN A 35 12.18 -18.73 9.96
C ASN A 35 11.28 -19.26 8.86
N ILE A 36 10.85 -20.52 8.98
CA ILE A 36 10.09 -21.18 7.92
C ILE A 36 9.20 -22.27 8.52
N PHE A 37 7.97 -22.36 7.99
CA PHE A 37 7.09 -23.43 8.42
C PHE A 37 6.11 -23.65 7.28
N GLU A 38 5.24 -24.68 7.43
CA GLU A 38 4.21 -24.87 6.44
C GLU A 38 2.84 -25.06 7.13
N LEU A 39 1.80 -24.94 6.31
CA LEU A 39 0.42 -25.21 6.71
C LEU A 39 -0.37 -25.64 5.46
N ARG A 40 -1.63 -25.99 5.68
CA ARG A 40 -2.52 -26.23 4.56
C ARG A 40 -3.49 -25.07 4.50
N ALA A 41 -3.72 -24.48 3.33
CA ALA A 41 -4.64 -23.32 3.26
C ALA A 41 -5.30 -23.22 1.89
N LEU A 42 -6.33 -22.42 1.82
CA LEU A 42 -7.07 -22.17 0.58
C LEU A 42 -7.51 -23.46 -0.10
N GLY A 43 -8.23 -24.31 0.62
CA GLY A 43 -8.67 -25.54 -0.01
C GLY A 43 -7.67 -26.65 0.20
N GLY A 44 -6.95 -26.67 1.31
CA GLY A 44 -6.16 -27.84 1.63
C GLY A 44 -4.77 -27.86 0.98
N ARG A 45 -4.34 -26.74 0.38
CA ARG A 45 -3.13 -26.81 -0.43
C ARG A 45 -1.91 -26.53 0.44
N ARG A 46 -0.88 -27.35 0.30
CA ARG A 46 0.38 -27.16 1.03
C ARG A 46 0.99 -25.76 0.77
N THR A 47 1.29 -25.02 1.84
CA THR A 47 1.75 -23.66 1.78
C THR A 47 2.94 -23.49 2.71
N VAL A 48 4.11 -23.18 2.12
CA VAL A 48 5.27 -22.85 2.89
C VAL A 48 5.32 -21.35 3.14
N VAL A 49 5.65 -20.97 4.39
CA VAL A 49 5.82 -19.57 4.73
C VAL A 49 7.26 -19.38 5.19
N PHE A 50 7.94 -18.35 4.65
CA PHE A 50 9.25 -18.00 5.17
C PHE A 50 9.39 -16.49 5.34
N SER A 51 10.37 -16.11 6.18
CA SER A 51 10.41 -14.78 6.80
C SER A 51 11.87 -14.31 6.93
N GLY A 52 12.08 -13.00 6.81
CA GLY A 52 13.40 -12.40 7.02
C GLY A 52 13.98 -11.89 5.70
N LYS A 53 15.11 -11.18 5.83
CA LYS A 53 15.76 -10.51 4.71
C LYS A 53 16.27 -11.53 3.69
N GLU A 54 16.83 -12.66 4.16
CA GLU A 54 17.29 -13.68 3.26
C GLU A 54 16.13 -14.29 2.51
N ALA A 55 15.00 -14.58 3.22
CA ALA A 55 13.79 -15.05 2.53
C ALA A 55 13.38 -14.09 1.42
N ALA A 56 13.42 -12.78 1.72
CA ALA A 56 12.97 -11.83 0.72
C ALA A 56 13.89 -11.84 -0.49
N GLU A 57 15.22 -11.98 -0.26
CA GLU A 57 16.13 -12.08 -1.40
C GLU A 57 15.84 -13.28 -2.30
N ILE A 58 15.50 -14.42 -1.67
CA ILE A 58 15.12 -15.58 -2.44
C ILE A 58 13.82 -15.34 -3.20
N PHE A 59 12.81 -14.83 -2.45
CA PHE A 59 11.50 -14.63 -3.01
C PHE A 59 11.55 -13.71 -4.25
N TYR A 60 12.47 -12.74 -4.28
CA TYR A 60 12.56 -11.87 -5.47
C TYR A 60 13.66 -12.27 -6.42
N ASN A 61 14.15 -13.50 -6.28
CA ASN A 61 15.10 -13.99 -7.29
C ASN A 61 14.31 -14.75 -8.37
N ASN A 62 14.20 -14.11 -9.54
CA ASN A 62 13.35 -14.57 -10.62
C ASN A 62 13.78 -15.96 -11.11
N GLU A 63 15.02 -16.39 -10.85
CA GLU A 63 15.48 -17.72 -11.25
C GLU A 63 14.92 -18.80 -10.31
N LEU A 64 14.48 -18.41 -9.12
CA LEU A 64 14.08 -19.34 -8.07
C LEU A 64 12.56 -19.39 -7.86
N ILE A 65 11.86 -18.28 -8.12
CA ILE A 65 10.46 -18.12 -7.74
C ILE A 65 9.66 -17.72 -8.94
N GLU A 66 8.53 -18.38 -9.16
CA GLU A 66 7.52 -18.01 -10.14
C GLU A 66 6.37 -17.29 -9.40
N ARG A 67 5.96 -16.13 -9.93
CA ARG A 67 4.88 -15.35 -9.32
C ARG A 67 3.58 -15.51 -10.10
N GLN A 68 3.61 -15.89 -11.38
CA GLN A 68 2.36 -15.96 -12.13
C GLN A 68 1.46 -17.07 -11.63
N GLY A 69 0.18 -16.74 -11.54
CA GLY A 69 -0.89 -17.66 -11.20
C GLY A 69 -0.94 -17.90 -9.70
N THR A 70 -0.24 -17.08 -8.90
CA THR A 70 -0.18 -17.37 -7.46
C THR A 70 -1.17 -16.55 -6.67
N LEU A 71 -1.63 -15.40 -7.20
CA LEU A 71 -2.61 -14.60 -6.47
C LEU A 71 -3.95 -15.34 -6.46
N PRO A 72 -4.65 -15.48 -5.33
CA PRO A 72 -5.96 -16.14 -5.35
C PRO A 72 -6.95 -15.40 -6.24
N LYS A 73 -7.71 -16.18 -6.99
CA LYS A 73 -8.59 -15.64 -8.00
C LYS A 73 -9.58 -14.66 -7.42
N ARG A 74 -10.16 -14.89 -6.22
CA ARG A 74 -11.11 -13.90 -5.70
C ARG A 74 -10.42 -12.54 -5.45
N VAL A 75 -9.13 -12.53 -5.05
CA VAL A 75 -8.43 -11.26 -4.80
C VAL A 75 -8.11 -10.59 -6.12
N VAL A 76 -7.77 -11.37 -7.14
CA VAL A 76 -7.66 -10.77 -8.49
C VAL A 76 -8.97 -10.10 -8.89
N ASN A 77 -10.08 -10.79 -8.60
CA ASN A 77 -11.37 -10.35 -9.06
C ASN A 77 -11.82 -9.04 -8.40
N THR A 78 -11.36 -8.76 -7.17
CA THR A 78 -11.78 -7.55 -6.47
C THR A 78 -10.68 -6.49 -6.42
N LEU A 79 -9.44 -6.86 -6.10
CA LEU A 79 -8.44 -5.89 -5.67
C LEU A 79 -7.69 -5.37 -6.90
N PHE A 80 -7.25 -6.29 -7.78
CA PHE A 80 -6.33 -5.95 -8.85
C PHE A 80 -6.98 -5.81 -10.21
N GLY A 81 -8.02 -6.62 -10.46
CA GLY A 81 -8.64 -6.68 -11.76
C GLY A 81 -8.00 -7.77 -12.63
N LYS A 82 -8.80 -8.29 -13.54
CA LYS A 82 -8.39 -9.37 -14.41
C LYS A 82 -7.35 -8.88 -15.39
N GLY A 83 -6.25 -9.63 -15.52
CA GLY A 83 -5.21 -9.24 -16.47
C GLY A 83 -4.36 -8.06 -15.92
N ALA A 84 -4.60 -7.64 -14.67
CA ALA A 84 -3.78 -6.60 -14.07
C ALA A 84 -2.27 -6.89 -14.18
N ILE A 85 -1.45 -5.84 -14.15
CA ILE A 85 -0.02 -6.02 -14.20
C ILE A 85 0.49 -7.07 -13.17
N HIS A 86 -0.14 -7.14 -12.00
CA HIS A 86 0.26 -8.05 -10.92
C HIS A 86 0.19 -9.49 -11.35
N THR A 87 -0.66 -9.79 -12.34
CA THR A 87 -0.89 -11.16 -12.75
C THR A 87 0.01 -11.54 -13.92
N THR A 88 0.84 -10.61 -14.43
CA THR A 88 1.64 -10.89 -15.62
C THR A 88 3.03 -11.36 -15.20
N GLY A 89 3.79 -11.91 -16.16
CA GLY A 89 5.18 -12.29 -15.92
C GLY A 89 6.01 -12.22 -17.19
N GLY A 90 7.30 -12.55 -17.05
CA GLY A 90 8.21 -12.50 -18.19
C GLY A 90 8.30 -11.14 -18.86
N LYS A 91 8.44 -11.22 -20.18
CA LYS A 91 8.67 -10.04 -20.97
C LYS A 91 7.45 -9.12 -20.87
N LYS A 92 6.27 -9.74 -20.88
CA LYS A 92 5.02 -8.97 -20.83
C LYS A 92 4.96 -8.08 -19.58
N HIS A 93 5.38 -8.65 -18.44
CA HIS A 93 5.43 -7.92 -17.20
C HIS A 93 6.48 -6.80 -17.26
N ILE A 94 7.69 -7.11 -17.77
CA ILE A 94 8.75 -6.11 -17.75
C ILE A 94 8.32 -4.88 -18.55
N ASP A 95 7.74 -5.16 -19.72
CA ASP A 95 7.26 -4.14 -20.63
C ASP A 95 6.16 -3.28 -19.98
N ARG A 96 5.21 -3.97 -19.33
CA ARG A 96 4.11 -3.32 -18.71
C ARG A 96 4.64 -2.48 -17.54
N LYS A 97 5.56 -3.05 -16.79
CA LYS A 97 6.10 -2.33 -15.64
C LYS A 97 6.81 -1.07 -16.13
N ALA A 98 7.44 -1.12 -17.31
CA ALA A 98 8.18 0.03 -17.80
C ALA A 98 7.22 1.23 -17.95
N LEU A 99 6.00 0.98 -18.45
CA LEU A 99 4.95 2.00 -18.56
C LEU A 99 4.66 2.68 -17.21
N PHE A 100 4.45 1.90 -16.16
CA PHE A 100 4.19 2.44 -14.84
C PHE A 100 5.37 3.28 -14.38
N MET A 101 6.58 2.74 -14.47
CA MET A 101 7.75 3.42 -13.95
C MET A 101 8.10 4.65 -14.82
N SER A 102 7.65 4.74 -16.08
CA SER A 102 7.96 5.89 -16.89
C SER A 102 7.38 7.17 -16.28
N LEU A 103 6.27 7.05 -15.57
CA LEU A 103 5.60 8.15 -14.87
C LEU A 103 6.41 8.72 -13.73
N MET A 104 7.33 7.94 -13.17
CA MET A 104 7.91 8.23 -11.88
C MET A 104 9.21 9.02 -11.99
N THR A 105 9.19 10.08 -12.80
CA THR A 105 10.36 10.93 -12.95
C THR A 105 10.42 11.91 -11.80
N GLU A 106 11.61 12.44 -11.52
CA GLU A 106 11.79 13.46 -10.50
C GLU A 106 10.74 14.59 -10.63
N GLU A 107 10.52 15.05 -11.86
CA GLU A 107 9.71 16.21 -12.15
C GLU A 107 8.22 15.88 -11.91
N ASN A 108 7.79 14.67 -12.32
CA ASN A 108 6.39 14.29 -12.21
C ASN A 108 6.10 14.06 -10.72
N LEU A 109 7.09 13.54 -10.00
CA LEU A 109 6.95 13.35 -8.55
C LEU A 109 7.01 14.66 -7.77
N GLU A 110 7.83 15.62 -8.22
CA GLU A 110 7.78 16.97 -7.67
C GLU A 110 6.39 17.62 -7.81
N TYR A 111 5.76 17.47 -8.98
CA TYR A 111 4.38 17.90 -9.14
C TYR A 111 3.41 17.24 -8.14
N LEU A 112 3.53 15.91 -7.95
CA LEU A 112 2.70 15.23 -6.98
C LEU A 112 2.93 15.87 -5.63
N ARG A 113 4.20 16.11 -5.33
CA ARG A 113 4.60 16.68 -4.02
C ARG A 113 3.86 18.00 -3.82
N GLU A 114 3.91 18.82 -4.84
CA GLU A 114 3.26 20.13 -4.77
C GLU A 114 1.73 20.02 -4.73
N LEU A 115 1.13 19.13 -5.52
CA LEU A 115 -0.30 18.92 -5.42
C LEU A 115 -0.70 18.53 -4.00
N THR A 116 0.04 17.60 -3.43
CA THR A 116 -0.35 17.09 -2.13
C THR A 116 -0.24 18.18 -1.07
N ARG A 117 0.92 18.87 -1.08
N ARG A 117 0.91 18.87 -1.07
CA ARG A 117 1.20 19.93 -0.13
CA ARG A 117 1.15 19.92 -0.09
C ARG A 117 0.10 20.98 -0.20
C ARG A 117 0.06 20.99 -0.19
N SER A 118 -0.22 21.44 -1.41
CA SER A 118 -1.14 22.57 -1.61
C SER A 118 -2.59 22.13 -1.40
N THR A 119 -2.93 20.86 -1.68
CA THR A 119 -4.30 20.42 -1.46
C THR A 119 -4.59 20.36 0.04
N TRP A 120 -3.67 19.80 0.82
CA TRP A 120 -3.81 19.87 2.28
C TRP A 120 -3.91 21.33 2.74
N PHE A 121 -2.91 22.13 2.39
CA PHE A 121 -2.86 23.55 2.80
C PHE A 121 -4.23 24.22 2.63
N MET A 122 -4.84 24.12 1.45
CA MET A 122 -6.10 24.80 1.17
C MET A 122 -7.31 23.99 1.66
N ASN A 123 -7.10 22.85 2.36
CA ASN A 123 -8.19 22.15 3.00
C ASN A 123 -8.35 22.63 4.43
N THR A 124 -7.50 23.55 4.90
CA THR A 124 -7.45 23.88 6.29
C THR A 124 -8.75 24.53 6.75
N GLU A 125 -9.26 25.50 5.98
CA GLU A 125 -10.52 26.15 6.36
C GLU A 125 -11.64 25.12 6.55
N ARG A 126 -11.82 24.21 5.58
CA ARG A 126 -12.78 23.13 5.69
C ARG A 126 -12.62 22.41 7.05
N MET A 127 -11.41 22.07 7.45
CA MET A 127 -11.26 21.24 8.67
C MET A 127 -11.53 22.05 9.92
N GLU A 128 -11.27 23.35 9.82
CA GLU A 128 -11.64 24.27 10.90
C GLU A 128 -13.17 24.31 11.14
N ARG A 129 -13.93 24.41 10.04
N ARG A 129 -13.99 24.28 10.09
CA ARG A 129 -15.40 24.42 9.99
CA ARG A 129 -15.44 24.47 10.22
C ARG A 129 -15.92 23.20 10.77
C ARG A 129 -16.15 23.12 10.32
N MET A 130 -15.36 22.04 10.39
CA MET A 130 -15.80 20.72 10.80
C MET A 130 -15.67 20.59 12.32
N ASP A 131 -16.65 19.90 12.88
CA ASP A 131 -16.65 19.59 14.30
C ASP A 131 -15.64 18.47 14.62
N GLU A 132 -15.60 17.45 13.80
CA GLU A 132 -14.63 16.36 13.97
C GLU A 132 -14.08 16.05 12.61
N VAL A 133 -12.83 15.61 12.54
CA VAL A 133 -12.35 15.17 11.26
C VAL A 133 -11.84 13.74 11.43
N ASN A 134 -12.43 12.83 10.67
CA ASN A 134 -11.96 11.46 10.57
C ASN A 134 -10.84 11.45 9.54
N VAL A 135 -9.62 11.29 10.00
CA VAL A 135 -8.47 11.42 9.11
C VAL A 135 -8.49 10.39 8.01
N TYR A 136 -8.82 9.12 8.34
CA TYR A 136 -8.90 8.05 7.35
C TYR A 136 -9.88 8.44 6.23
N LYS A 137 -11.06 8.95 6.62
CA LYS A 137 -12.05 9.31 5.60
C LYS A 137 -11.69 10.63 4.89
N GLU A 138 -11.28 11.66 5.62
CA GLU A 138 -10.94 12.94 4.94
C GLU A 138 -9.81 12.72 3.94
N SER A 139 -8.82 11.87 4.32
CA SER A 139 -7.63 11.73 3.49
C SER A 139 -7.94 10.87 2.26
N ILE A 140 -8.90 9.93 2.37
CA ILE A 140 -9.16 9.11 1.17
C ILE A 140 -9.78 9.96 0.07
N ILE A 141 -10.68 10.83 0.47
CA ILE A 141 -11.24 11.84 -0.47
C ILE A 141 -10.20 12.81 -1.05
N LEU A 142 -9.40 13.44 -0.19
CA LEU A 142 -8.37 14.33 -0.68
C LEU A 142 -7.40 13.61 -1.60
N LEU A 143 -7.00 12.37 -1.25
CA LEU A 143 -6.07 11.64 -2.13
C LEU A 143 -6.71 11.22 -3.47
N THR A 144 -8.05 11.06 -3.50
CA THR A 144 -8.67 10.78 -4.78
C THR A 144 -8.58 12.04 -5.63
N LYS A 145 -8.79 13.19 -5.01
N LYS A 145 -8.82 13.19 -4.98
CA LYS A 145 -8.69 14.42 -5.77
CA LYS A 145 -8.69 14.47 -5.67
C LYS A 145 -7.26 14.65 -6.24
C LYS A 145 -7.28 14.63 -6.23
N VAL A 146 -6.26 14.51 -5.37
CA VAL A 146 -4.88 14.68 -5.77
C VAL A 146 -4.47 13.66 -6.83
N GLY A 147 -4.81 12.38 -6.61
CA GLY A 147 -4.35 11.30 -7.51
C GLY A 147 -4.99 11.38 -8.89
N PHE A 148 -6.27 11.68 -8.90
CA PHE A 148 -6.91 11.95 -10.21
C PHE A 148 -6.29 13.11 -10.98
N ARG A 149 -6.05 14.22 -10.30
CA ARG A 149 -5.48 15.38 -11.00
C ARG A 149 -4.07 14.98 -11.51
N TRP A 150 -3.30 14.32 -10.67
CA TRP A 150 -1.93 13.90 -11.03
C TRP A 150 -1.96 12.96 -12.25
N ALA A 151 -3.01 12.11 -12.31
CA ALA A 151 -3.19 11.11 -13.35
C ALA A 151 -3.85 11.70 -14.56
N GLY A 152 -4.29 12.97 -14.49
CA GLY A 152 -4.92 13.61 -15.63
C GLY A 152 -6.41 13.25 -15.81
N ILE A 153 -7.03 12.69 -14.77
CA ILE A 153 -8.42 12.26 -14.84
C ILE A 153 -9.32 13.40 -14.33
N ILE A 154 -10.21 13.92 -15.16
CA ILE A 154 -11.10 15.01 -14.79
C ILE A 154 -12.35 14.39 -14.17
N ALA A 155 -12.72 14.79 -12.98
CA ALA A 155 -13.86 14.20 -12.29
C ALA A 155 -14.58 15.31 -11.55
N SER A 156 -15.91 15.25 -11.48
CA SER A 156 -16.72 16.12 -10.63
C SER A 156 -16.48 15.79 -9.16
N PRO A 157 -16.94 16.68 -8.22
CA PRO A 157 -16.87 16.33 -6.79
C PRO A 157 -17.61 15.02 -6.47
N GLU A 158 -18.79 14.85 -7.07
CA GLU A 158 -19.60 13.66 -6.80
C GLU A 158 -18.89 12.41 -7.32
N GLU A 159 -18.27 12.51 -8.48
CA GLU A 159 -17.48 11.43 -9.03
C GLU A 159 -16.29 11.08 -8.14
N ILE A 160 -15.60 12.09 -7.62
CA ILE A 160 -14.46 11.85 -6.75
C ILE A 160 -14.95 11.06 -5.56
N GLU A 161 -16.05 11.52 -4.95
CA GLU A 161 -16.53 10.92 -3.73
C GLU A 161 -17.00 9.48 -3.96
N SER A 162 -17.68 9.24 -5.06
CA SER A 162 -18.16 7.89 -5.35
C SER A 162 -17.01 6.96 -5.71
N CYS A 163 -16.07 7.45 -6.54
CA CYS A 163 -14.88 6.67 -6.76
C CYS A 163 -14.16 6.31 -5.46
N ALA A 164 -14.02 7.26 -4.55
CA ALA A 164 -13.30 7.02 -3.30
C ALA A 164 -13.97 5.93 -2.50
N LYS A 165 -15.30 5.96 -2.39
CA LYS A 165 -16.01 4.91 -1.68
C LYS A 165 -15.83 3.54 -2.31
N ASP A 166 -15.89 3.46 -3.65
CA ASP A 166 -15.80 2.19 -4.37
C ASP A 166 -14.35 1.68 -4.28
N MET A 167 -13.36 2.59 -4.34
CA MET A 167 -11.96 2.20 -4.21
C MET A 167 -11.69 1.69 -2.79
N ASP A 168 -12.28 2.36 -1.81
CA ASP A 168 -12.13 1.94 -0.43
C ASP A 168 -12.54 0.47 -0.28
N THR A 169 -13.71 0.14 -0.82
CA THR A 169 -14.20 -1.24 -0.80
C THR A 169 -13.21 -2.20 -1.44
N MET A 170 -12.70 -1.85 -2.60
CA MET A 170 -11.72 -2.70 -3.23
C MET A 170 -10.46 -2.88 -2.38
N ILE A 171 -9.97 -1.81 -1.75
CA ILE A 171 -8.69 -1.90 -1.06
C ILE A 171 -8.80 -2.92 0.09
N ASP A 172 -9.98 -2.98 0.72
CA ASP A 172 -10.27 -3.86 1.85
C ASP A 172 -10.43 -5.32 1.44
N SER A 173 -10.51 -5.61 0.14
CA SER A 173 -11.05 -6.89 -0.31
C SER A 173 -9.98 -8.00 -0.30
N PHE A 174 -8.77 -7.73 0.22
CA PHE A 174 -7.80 -8.81 0.38
C PHE A 174 -7.94 -9.48 1.74
N LYS A 175 -8.86 -8.96 2.52
CA LYS A 175 -8.96 -9.38 3.90
C LYS A 175 -9.31 -10.84 4.16
N ASN A 176 -9.94 -11.52 3.19
CA ASN A 176 -10.24 -12.94 3.39
C ASN A 176 -9.28 -13.83 2.60
N ILE A 177 -8.20 -13.20 2.11
CA ILE A 177 -7.03 -13.81 1.50
C ILE A 177 -7.39 -14.82 0.44
N GLY A 178 -8.53 -14.61 -0.20
CA GLY A 178 -8.92 -15.46 -1.31
C GLY A 178 -10.17 -16.29 -1.07
N THR A 179 -10.63 -16.36 0.18
CA THR A 179 -11.87 -17.10 0.47
C THR A 179 -13.13 -16.28 0.20
N ALA A 180 -14.27 -17.00 0.11
CA ALA A 180 -15.57 -16.38 -0.05
C ALA A 180 -15.82 -15.53 1.19
N PHE A 181 -16.56 -14.43 1.03
CA PHE A 181 -16.83 -13.61 2.18
C PHE A 181 -18.07 -12.76 1.88
N LYS A 182 -18.70 -12.25 2.95
CA LYS A 182 -19.87 -11.38 2.86
C LYS A 182 -19.32 -10.02 2.43
N GLY A 183 -19.57 -9.65 1.19
CA GLY A 183 -19.00 -8.41 0.64
C GLY A 183 -18.25 -8.65 -0.67
N TYR A 184 -18.01 -9.93 -0.98
CA TYR A 184 -17.31 -10.29 -2.21
C TYR A 184 -18.08 -9.75 -3.42
N ARG A 185 -19.40 -9.95 -3.42
CA ARG A 185 -20.20 -9.53 -4.56
C ARG A 185 -20.19 -8.01 -4.57
N GLU A 186 -20.34 -7.34 -3.43
CA GLU A 186 -20.26 -5.88 -3.37
C GLU A 186 -18.92 -5.36 -3.92
N ALA A 187 -17.82 -6.01 -3.57
CA ALA A 187 -16.49 -5.58 -4.02
C ALA A 187 -16.36 -5.72 -5.53
N LYS A 188 -16.91 -6.79 -6.08
CA LYS A 188 -16.99 -6.92 -7.55
C LYS A 188 -17.76 -5.79 -8.26
N LYS A 189 -18.89 -5.43 -7.69
CA LYS A 189 -19.74 -4.40 -8.22
C LYS A 189 -19.04 -3.05 -8.10
N ALA A 190 -18.37 -2.79 -6.98
CA ALA A 190 -17.59 -1.58 -6.87
C ALA A 190 -16.50 -1.49 -7.96
N ARG A 191 -15.80 -2.62 -8.17
CA ARG A 191 -14.80 -2.71 -9.21
C ARG A 191 -15.36 -2.44 -10.59
N ASP A 192 -16.51 -3.04 -10.89
CA ASP A 192 -17.18 -2.83 -12.17
C ASP A 192 -17.42 -1.34 -12.43
N ARG A 193 -17.95 -0.66 -11.40
CA ARG A 193 -18.27 0.77 -11.47
C ARG A 193 -17.03 1.60 -11.80
N VAL A 194 -15.92 1.36 -11.08
CA VAL A 194 -14.74 2.23 -11.26
C VAL A 194 -14.02 1.87 -12.56
N GLU A 195 -13.98 0.57 -12.87
CA GLU A 195 -13.47 0.18 -14.17
C GLU A 195 -14.21 0.92 -15.29
N THR A 196 -15.54 0.93 -15.29
CA THR A 196 -16.34 1.56 -16.32
C THR A 196 -16.08 3.08 -16.33
N PHE A 197 -15.97 3.72 -15.17
CA PHE A 197 -15.71 5.14 -15.19
C PHE A 197 -14.39 5.44 -15.93
N LEU A 198 -13.35 4.65 -15.68
CA LEU A 198 -12.03 4.90 -16.24
C LEU A 198 -11.96 4.47 -17.70
N GLU A 199 -12.62 3.36 -18.02
CA GLU A 199 -12.69 2.91 -19.40
C GLU A 199 -13.29 3.99 -20.29
N ASN A 200 -14.38 4.62 -19.81
CA ASN A 200 -15.07 5.61 -20.64
C ASN A 200 -14.15 6.76 -20.95
N GLN A 201 -13.30 7.14 -19.98
CA GLN A 201 -12.37 8.23 -20.22
C GLN A 201 -11.24 7.86 -21.18
N ILE A 202 -10.76 6.63 -21.03
CA ILE A 202 -9.78 6.09 -21.96
C ILE A 202 -10.36 6.03 -23.36
N ILE A 203 -11.60 5.59 -23.51
CA ILE A 203 -12.21 5.53 -24.86
C ILE A 203 -12.27 6.94 -25.47
N ALA A 204 -12.69 7.90 -24.65
CA ALA A 204 -12.76 9.29 -25.10
C ALA A 204 -11.38 9.84 -25.49
N VAL A 205 -10.33 9.46 -24.74
CA VAL A 205 -8.97 9.89 -25.06
C VAL A 205 -8.61 9.38 -26.46
N ARG A 206 -8.87 8.10 -26.72
CA ARG A 206 -8.52 7.43 -27.97
C ARG A 206 -9.29 8.04 -29.15
N GLU A 207 -10.54 8.49 -28.90
CA GLU A 207 -11.43 9.07 -29.91
C GLU A 207 -11.16 10.57 -30.10
N GLY A 208 -10.32 11.15 -29.24
CA GLY A 208 -9.95 12.55 -29.39
C GLY A 208 -10.87 13.52 -28.63
N LYS A 209 -11.73 13.03 -27.73
CA LYS A 209 -12.74 13.84 -27.05
C LYS A 209 -12.23 14.41 -25.77
N LEU A 210 -11.25 13.74 -25.15
CA LEU A 210 -10.54 14.27 -24.01
C LEU A 210 -9.10 14.38 -24.43
N THR A 211 -8.40 15.39 -23.92
CA THR A 211 -7.02 15.64 -24.30
C THR A 211 -6.22 15.85 -23.02
N PRO A 212 -5.93 14.80 -22.22
CA PRO A 212 -5.10 14.97 -21.04
C PRO A 212 -3.67 15.26 -21.45
N PRO A 213 -2.86 15.96 -20.64
CA PRO A 213 -1.48 16.22 -21.02
C PRO A 213 -0.60 14.98 -21.17
N GLN A 214 0.38 15.04 -22.08
CA GLN A 214 1.46 14.09 -22.18
C GLN A 214 2.08 13.99 -20.80
N GLY A 215 2.33 12.77 -20.38
CA GLY A 215 3.03 12.50 -19.14
C GLY A 215 2.11 12.19 -17.96
N THR A 216 0.81 12.43 -18.08
CA THR A 216 -0.10 12.03 -17.03
C THR A 216 -0.41 10.55 -17.30
N ALA A 217 -0.66 9.76 -16.25
CA ALA A 217 -1.06 8.37 -16.42
C ALA A 217 -2.21 8.15 -17.41
N LEU A 218 -3.25 9.02 -17.47
CA LEU A 218 -4.33 8.74 -18.40
C LEU A 218 -3.81 8.85 -19.83
N HIS A 219 -2.99 9.87 -20.08
CA HIS A 219 -2.51 10.02 -21.46
C HIS A 219 -1.62 8.83 -21.84
N GLU A 220 -0.69 8.52 -20.97
CA GLU A 220 0.38 7.59 -21.33
C GLU A 220 -0.21 6.18 -21.45
N PHE A 221 -1.15 5.84 -20.56
CA PHE A 221 -1.75 4.50 -20.59
C PHE A 221 -2.65 4.33 -21.83
N SER A 222 -3.35 5.42 -22.22
CA SER A 222 -4.29 5.38 -23.34
C SER A 222 -3.56 5.13 -24.64
N HIS A 223 -2.33 5.68 -24.78
CA HIS A 223 -1.56 5.63 -26.03
C HIS A 223 -0.50 4.53 -26.03
N TRP A 224 -0.26 3.82 -24.91
CA TRP A 224 0.87 2.90 -24.81
C TRP A 224 0.68 1.66 -25.67
N GLU A 225 1.72 1.33 -26.47
CA GLU A 225 1.79 0.08 -27.21
C GLU A 225 2.76 -0.91 -26.59
N ASP A 226 2.37 -2.18 -26.63
CA ASP A 226 3.18 -3.26 -26.11
C ASP A 226 4.29 -3.56 -27.11
N PHE A 227 5.11 -4.61 -26.88
CA PHE A 227 6.27 -4.85 -27.73
C PHE A 227 5.88 -5.26 -29.14
N GLU A 228 4.63 -5.66 -29.40
CA GLU A 228 4.19 -5.94 -30.76
C GLU A 228 3.37 -4.81 -31.33
N GLY A 229 3.32 -3.66 -30.65
CA GLY A 229 2.73 -2.46 -31.22
C GLY A 229 1.21 -2.35 -31.04
N ASN A 230 0.65 -3.06 -30.04
CA ASN A 230 -0.79 -3.02 -29.79
C ASN A 230 -1.08 -2.32 -28.46
N LEU A 231 -2.10 -1.46 -28.51
CA LEU A 231 -2.72 -0.80 -27.35
C LEU A 231 -3.22 -1.88 -26.38
N MET A 232 -3.24 -1.58 -25.06
CA MET A 232 -4.06 -2.35 -24.16
C MET A 232 -5.50 -2.20 -24.66
N ASP A 233 -6.27 -3.30 -24.69
CA ASP A 233 -7.70 -3.17 -24.92
C ASP A 233 -8.17 -2.14 -23.88
N SER A 234 -9.26 -1.42 -24.14
CA SER A 234 -9.71 -0.32 -23.27
C SER A 234 -10.05 -0.81 -21.86
N ARG A 235 -10.59 -2.01 -21.71
CA ARG A 235 -10.93 -2.50 -20.37
C ARG A 235 -9.67 -2.80 -19.57
N LEU A 236 -8.69 -3.47 -20.21
CA LEU A 236 -7.42 -3.74 -19.54
C LEU A 236 -6.72 -2.43 -19.18
N CYS A 237 -6.76 -1.46 -20.07
CA CYS A 237 -6.17 -0.17 -19.79
C CYS A 237 -6.79 0.51 -18.56
N ALA A 238 -8.11 0.41 -18.44
CA ALA A 238 -8.84 0.89 -17.27
C ALA A 238 -8.40 0.19 -16.00
N ILE A 239 -8.22 -1.13 -16.08
CA ILE A 239 -7.79 -1.90 -14.94
C ILE A 239 -6.41 -1.42 -14.45
N ASP A 240 -5.45 -1.30 -15.38
CA ASP A 240 -4.10 -0.90 -15.00
C ASP A 240 -4.04 0.58 -14.62
N LEU A 241 -4.87 1.43 -15.23
CA LEU A 241 -4.96 2.81 -14.77
C LEU A 241 -5.46 2.84 -13.32
N MET A 242 -6.40 1.96 -12.97
CA MET A 242 -6.87 1.97 -11.57
C MET A 242 -5.78 1.43 -10.63
N ASN A 243 -4.83 0.65 -11.19
CA ASN A 243 -3.69 0.20 -10.41
C ASN A 243 -2.66 1.30 -10.15
N VAL A 244 -2.89 2.53 -10.65
CA VAL A 244 -2.22 3.76 -10.23
C VAL A 244 -3.04 4.47 -9.17
N VAL A 245 -4.32 4.72 -9.42
CA VAL A 245 -5.07 5.66 -8.56
C VAL A 245 -5.68 5.02 -7.32
N ARG A 246 -6.13 3.76 -7.39
CA ARG A 246 -6.63 3.06 -6.20
C ARG A 246 -5.58 2.95 -5.06
N PRO A 247 -4.38 2.39 -5.27
CA PRO A 247 -3.40 2.28 -4.19
C PRO A 247 -2.87 3.62 -3.73
N LEU A 248 -3.00 4.66 -4.58
CA LEU A 248 -2.66 6.01 -4.17
C LEU A 248 -3.64 6.43 -3.10
N VAL A 249 -4.94 6.19 -3.31
CA VAL A 249 -5.87 6.55 -2.26
C VAL A 249 -5.75 5.66 -1.01
N ALA A 250 -5.29 4.40 -1.17
CA ALA A 250 -5.02 3.53 -0.02
C ALA A 250 -3.96 4.09 0.93
N ILE A 251 -3.18 5.09 0.53
CA ILE A 251 -2.27 5.78 1.45
C ILE A 251 -3.04 6.39 2.62
N ASN A 252 -4.38 6.57 2.47
CA ASN A 252 -5.17 7.05 3.61
C ASN A 252 -4.94 6.22 4.87
N ARG A 253 -4.80 4.91 4.72
CA ARG A 253 -4.52 4.04 5.88
C ARG A 253 -3.26 4.53 6.59
N PHE A 254 -2.18 4.84 5.85
CA PHE A 254 -0.96 5.36 6.45
C PHE A 254 -1.04 6.80 6.97
N VAL A 255 -1.83 7.67 6.32
CA VAL A 255 -2.12 8.97 6.84
C VAL A 255 -2.72 8.85 8.26
N SER A 256 -3.71 7.99 8.36
CA SER A 256 -4.41 7.75 9.60
C SER A 256 -3.47 7.19 10.67
N PHE A 257 -2.67 6.17 10.28
CA PHE A 257 -1.66 5.58 11.18
C PHE A 257 -0.68 6.67 11.62
N GLY A 258 -0.29 7.58 10.72
CA GLY A 258 0.76 8.56 11.01
C GLY A 258 0.30 9.60 12.05
N VAL A 259 -0.95 10.02 11.95
CA VAL A 259 -1.49 10.98 12.89
C VAL A 259 -1.68 10.28 14.23
N LYS A 260 -2.03 9.00 14.20
CA LYS A 260 -1.96 8.20 15.42
C LYS A 260 -0.54 8.24 15.99
N ALA A 261 0.50 7.99 15.18
CA ALA A 261 1.86 8.03 15.73
C ALA A 261 2.25 9.40 16.31
N LEU A 262 1.86 10.51 15.66
CA LEU A 262 2.11 11.84 16.22
C LEU A 262 1.41 12.00 17.56
N HIS A 263 0.29 11.31 17.75
CA HIS A 263 -0.34 11.39 19.07
C HIS A 263 0.36 10.45 20.05
N ASP A 264 0.69 9.22 19.62
CA ASP A 264 1.15 8.22 20.60
C ASP A 264 2.56 8.53 21.11
N TYR A 265 3.40 9.23 20.34
CA TYR A 265 4.84 9.33 20.62
C TYR A 265 5.17 10.80 20.74
N PRO A 266 4.96 11.38 21.93
CA PRO A 266 5.16 12.82 22.05
C PRO A 266 6.63 13.11 21.71
N GLY A 267 6.83 14.22 21.02
CA GLY A 267 8.17 14.62 20.59
C GLY A 267 8.30 14.47 19.08
N GLU A 268 7.56 13.53 18.48
CA GLU A 268 7.67 13.29 17.06
C GLU A 268 7.18 14.52 16.30
N ALA A 269 6.09 15.16 16.74
CA ALA A 269 5.54 16.25 15.94
C ALA A 269 6.60 17.34 15.73
N GLU A 270 7.28 17.73 16.80
CA GLU A 270 8.27 18.79 16.74
C GLU A 270 9.39 18.42 15.77
N LYS A 271 9.79 17.14 15.76
CA LYS A 271 10.87 16.65 14.90
C LYS A 271 10.44 16.67 13.46
N VAL A 272 9.17 16.34 13.17
CA VAL A 272 8.70 16.33 11.80
C VAL A 272 8.59 17.78 11.32
N PHE A 273 8.08 18.65 12.22
CA PHE A 273 7.91 20.08 11.97
C PHE A 273 9.25 20.67 11.51
N ASN A 274 10.29 20.49 12.34
CA ASN A 274 11.62 21.02 12.07
C ASN A 274 12.23 20.35 10.85
N ASN A 275 11.88 19.08 10.60
CA ASN A 275 12.43 18.32 9.48
C ASN A 275 13.94 18.51 9.25
N GLU A 276 14.75 18.35 10.30
CA GLU A 276 16.20 18.38 10.11
C GLU A 276 16.72 16.98 9.78
N ASN A 277 17.84 16.90 9.03
CA ASN A 277 18.39 15.66 8.45
C ASN A 277 17.29 14.64 8.16
N ASP A 278 16.36 15.08 7.30
CA ASP A 278 15.35 14.21 6.66
C ASP A 278 14.46 13.48 7.67
N TYR A 279 14.16 14.11 8.81
CA TYR A 279 13.34 13.47 9.84
C TYR A 279 11.96 13.12 9.28
N ALA A 280 11.32 14.01 8.48
CA ALA A 280 9.98 13.68 7.98
C ALA A 280 9.99 12.37 7.20
N TYR A 281 10.96 12.24 6.29
CA TYR A 281 11.25 11.00 5.57
C TYR A 281 11.40 9.83 6.54
N LYS A 282 12.17 10.01 7.61
CA LYS A 282 12.46 8.90 8.50
C LYS A 282 11.19 8.50 9.24
N PHE A 283 10.38 9.50 9.61
CA PHE A 283 9.13 9.26 10.31
C PHE A 283 8.21 8.47 9.39
N VAL A 284 8.22 8.81 8.12
CA VAL A 284 7.35 8.13 7.19
C VAL A 284 7.79 6.69 7.03
N GLN A 285 9.11 6.47 6.90
CA GLN A 285 9.59 5.11 6.76
C GLN A 285 9.18 4.29 7.98
N GLU A 286 9.24 4.88 9.18
CA GLU A 286 8.89 4.17 10.40
C GLU A 286 7.38 3.90 10.49
N VAL A 287 6.52 4.73 9.89
CA VAL A 287 5.09 4.48 9.85
C VAL A 287 4.83 3.27 8.97
N ARG A 288 5.51 3.20 7.82
CA ARG A 288 5.36 2.13 6.90
C ARG A 288 5.91 0.79 7.45
N ARG A 289 6.99 0.84 8.23
CA ARG A 289 7.53 -0.37 8.83
C ARG A 289 6.65 -0.85 9.97
N PHE A 290 6.17 0.09 10.77
CA PHE A 290 5.62 -0.26 12.07
C PHE A 290 4.17 -0.75 12.00
N TYR A 291 3.34 -0.13 11.14
CA TYR A 291 1.91 -0.34 11.17
C TYR A 291 1.54 -1.39 10.12
N PRO A 292 0.53 -2.24 10.38
CA PRO A 292 0.21 -3.32 9.45
C PRO A 292 -0.60 -2.90 8.26
N PHE A 293 -0.22 -3.42 7.11
CA PHE A 293 -1.06 -3.35 5.94
C PHE A 293 -0.95 -4.65 5.15
N VAL A 294 0.18 -4.80 4.46
CA VAL A 294 0.35 -5.99 3.64
C VAL A 294 0.79 -7.17 4.50
N PRO A 295 0.05 -8.31 4.56
CA PRO A 295 0.45 -9.37 5.47
C PRO A 295 1.62 -10.19 4.94
N PHE A 296 1.52 -10.56 3.69
CA PHE A 296 2.37 -11.57 3.12
C PHE A 296 2.01 -11.58 1.65
N LEU A 297 2.88 -12.18 0.84
CA LEU A 297 2.71 -12.26 -0.60
C LEU A 297 2.98 -13.67 -1.09
N PRO A 298 2.25 -14.11 -2.14
CA PRO A 298 2.39 -15.45 -2.66
C PRO A 298 3.29 -15.59 -3.90
N GLY A 299 3.88 -16.75 -4.01
CA GLY A 299 4.53 -17.23 -5.23
C GLY A 299 4.72 -18.72 -5.15
N LYS A 300 5.66 -19.26 -5.95
CA LYS A 300 5.85 -20.68 -6.11
C LYS A 300 7.33 -20.92 -6.45
N ALA A 301 7.91 -21.93 -5.84
CA ALA A 301 9.28 -22.31 -6.10
C ALA A 301 9.36 -22.87 -7.51
N ALA A 302 10.22 -22.30 -8.32
CA ALA A 302 10.39 -22.67 -9.72
C ALA A 302 11.34 -23.85 -9.82
N VAL A 303 12.12 -24.08 -8.74
CA VAL A 303 13.16 -25.09 -8.64
C VAL A 303 13.29 -25.42 -7.15
N ASP A 304 13.99 -26.49 -6.81
CA ASP A 304 14.22 -26.80 -5.42
C ASP A 304 15.08 -25.69 -4.84
N ILE A 305 14.83 -25.27 -3.61
CA ILE A 305 15.56 -24.18 -3.00
C ILE A 305 16.00 -24.63 -1.60
N GLU A 306 17.20 -24.26 -1.16
CA GLU A 306 17.66 -24.54 0.19
C GLU A 306 17.48 -23.24 0.99
N PHE A 307 16.92 -23.32 2.22
CA PHE A 307 16.77 -22.19 3.10
C PHE A 307 16.91 -22.68 4.54
N ASP A 308 17.87 -22.13 5.31
CA ASP A 308 17.95 -22.43 6.75
C ASP A 308 18.06 -23.92 7.04
N GLY A 309 18.57 -24.60 6.02
CA GLY A 309 18.94 -25.99 6.15
C GLY A 309 17.76 -26.86 5.73
N TYR A 310 16.68 -26.22 5.25
CA TYR A 310 15.49 -26.94 4.80
C TYR A 310 15.48 -26.95 3.28
N LYS A 311 14.81 -27.92 2.68
CA LYS A 311 14.54 -27.95 1.25
C LYS A 311 13.09 -27.57 0.98
N ILE A 312 12.94 -26.57 0.11
CA ILE A 312 11.67 -26.11 -0.43
C ILE A 312 11.63 -26.70 -1.82
N GLU A 313 10.78 -27.70 -1.98
CA GLU A 313 10.78 -28.43 -3.21
C GLU A 313 10.13 -27.61 -4.31
N LYS A 314 10.61 -27.87 -5.52
CA LYS A 314 10.00 -27.25 -6.67
C LYS A 314 8.50 -27.43 -6.66
N ASP A 315 7.80 -26.38 -7.10
CA ASP A 315 6.35 -26.29 -7.26
C ASP A 315 5.67 -26.06 -5.93
N THR A 316 6.40 -25.98 -4.84
CA THR A 316 5.79 -25.63 -3.56
C THR A 316 5.19 -24.24 -3.70
N PHE A 317 3.93 -24.10 -3.25
CA PHE A 317 3.31 -22.81 -3.07
C PHE A 317 3.93 -22.19 -1.83
N LEU A 318 4.42 -20.94 -1.96
CA LEU A 318 5.37 -20.32 -1.03
C LEU A 318 4.89 -18.90 -0.73
N VAL A 319 4.91 -18.48 0.52
CA VAL A 319 4.51 -17.15 0.90
C VAL A 319 5.64 -16.42 1.62
N LEU A 320 5.98 -15.20 1.14
CA LEU A 320 6.89 -14.30 1.88
C LEU A 320 6.12 -13.53 2.94
N ASP A 321 6.54 -13.66 4.20
CA ASP A 321 6.06 -12.90 5.33
C ASP A 321 6.50 -11.43 5.20
N ILE A 322 5.54 -10.54 5.19
CA ILE A 322 5.82 -9.09 5.05
C ILE A 322 5.76 -8.49 6.45
N TYR A 323 4.59 -8.64 7.10
CA TYR A 323 4.43 -8.06 8.42
C TYR A 323 5.51 -8.55 9.41
N GLY A 324 5.76 -9.86 9.48
CA GLY A 324 6.65 -10.35 10.51
C GLY A 324 8.11 -9.91 10.21
N THR A 325 8.46 -9.83 8.93
CA THR A 325 9.78 -9.35 8.50
C THR A 325 10.04 -7.91 8.98
N LEU A 326 8.97 -7.09 8.96
CA LEU A 326 9.02 -5.69 9.30
C LEU A 326 9.12 -5.55 10.81
N HIS A 327 8.85 -6.65 11.53
CA HIS A 327 8.88 -6.61 12.99
C HIS A 327 9.87 -7.61 13.60
N ARG A 328 10.79 -8.12 12.78
CA ARG A 328 11.77 -9.11 13.20
C ARG A 328 12.88 -8.55 14.12
N GLU A 329 13.04 -9.20 15.26
CA GLU A 329 14.01 -8.89 16.31
C GLU A 329 15.43 -8.78 15.75
N GLY A 330 15.81 -9.65 14.80
CA GLY A 330 17.24 -9.64 14.47
C GLY A 330 17.59 -8.42 13.64
N LEU A 331 16.59 -8.01 12.88
CA LEU A 331 16.77 -7.20 11.71
C LEU A 331 16.61 -5.74 12.07
N TRP A 332 15.76 -5.50 13.09
CA TRP A 332 15.40 -4.19 13.60
C TRP A 332 15.59 -4.20 15.11
N GLU A 333 16.48 -3.38 15.65
CA GLU A 333 16.64 -3.39 17.08
C GLU A 333 15.38 -2.81 17.68
N ASN A 334 14.80 -3.49 18.67
CA ASN A 334 13.61 -3.05 19.40
C ASN A 334 12.51 -2.81 18.37
N PRO A 335 12.09 -3.88 17.63
CA PRO A 335 11.17 -3.73 16.50
C PRO A 335 9.80 -3.20 16.91
N GLU A 336 9.47 -3.36 18.19
CA GLU A 336 8.19 -2.91 18.70
C GLU A 336 8.23 -1.47 19.18
N ARG A 337 9.40 -0.84 19.04
CA ARG A 337 9.57 0.57 19.30
C ARG A 337 9.38 1.39 18.03
N PHE A 338 8.63 2.48 18.19
CA PHE A 338 8.49 3.45 17.08
C PHE A 338 9.65 4.43 17.16
N TYR A 339 10.59 4.35 16.24
CA TYR A 339 11.87 5.03 16.41
C TYR A 339 12.42 5.40 15.02
N PRO A 340 11.93 6.51 14.41
CA PRO A 340 12.36 6.88 13.07
C PRO A 340 13.88 6.93 12.88
N ASN A 341 14.62 7.37 13.91
CA ASN A 341 16.08 7.49 13.80
C ASN A 341 16.75 6.14 13.51
N ARG A 342 16.02 5.01 13.59
CA ARG A 342 16.59 3.74 13.15
C ARG A 342 17.02 3.85 11.68
N PHE A 343 16.38 4.74 10.92
CA PHE A 343 16.69 4.93 9.50
C PHE A 343 17.94 5.79 9.24
N SER A 344 18.55 6.42 10.25
CA SER A 344 19.81 7.15 10.01
C SER A 344 20.91 6.17 9.59
N ASP A 345 20.94 4.98 10.18
CA ASP A 345 21.90 3.94 9.82
C ASP A 345 21.28 2.80 9.04
N TRP A 346 20.26 3.06 8.22
CA TRP A 346 19.74 2.05 7.34
C TRP A 346 20.47 2.14 6.01
N ASP A 347 20.92 0.97 5.54
CA ASP A 347 21.73 0.87 4.35
C ASP A 347 20.89 0.87 3.08
N GLY A 348 19.57 1.01 3.17
CA GLY A 348 18.77 1.06 1.95
C GLY A 348 18.57 -0.29 1.27
N SER A 349 18.73 -1.40 2.01
CA SER A 349 18.52 -2.73 1.44
C SER A 349 17.16 -2.86 0.76
N PRO A 350 17.11 -3.40 -0.48
CA PRO A 350 15.85 -3.79 -1.08
C PRO A 350 15.10 -4.93 -0.39
N PHE A 351 15.61 -5.52 0.70
CA PHE A 351 15.05 -6.77 1.21
C PHE A 351 14.60 -6.77 2.68
N ASP A 352 14.76 -5.65 3.40
CA ASP A 352 14.37 -5.57 4.79
C ASP A 352 13.10 -4.72 4.95
N LEU A 353 13.19 -3.44 4.57
CA LEU A 353 12.05 -2.53 4.55
C LEU A 353 11.21 -2.80 3.30
N ILE A 354 10.29 -3.75 3.40
CA ILE A 354 9.54 -4.28 2.26
C ILE A 354 8.02 -4.15 2.50
N PRO A 355 7.49 -3.05 3.08
CA PRO A 355 6.02 -2.95 3.25
C PRO A 355 5.20 -2.91 1.95
N GLN A 356 5.89 -2.58 0.86
CA GLN A 356 5.31 -2.46 -0.46
C GLN A 356 6.11 -3.36 -1.40
N GLY A 357 6.58 -4.52 -0.89
CA GLY A 357 7.35 -5.42 -1.72
C GLY A 357 8.85 -5.19 -1.64
N GLY A 358 9.62 -6.17 -2.07
CA GLY A 358 11.06 -6.03 -2.12
C GLY A 358 11.62 -6.20 -3.52
N GLY A 359 12.94 -6.30 -3.62
CA GLY A 359 13.55 -6.53 -4.92
C GLY A 359 13.65 -5.26 -5.75
N ASP A 360 13.61 -5.44 -7.07
CA ASP A 360 13.87 -4.42 -8.07
C ASP A 360 12.55 -3.89 -8.64
N TYR A 361 12.42 -2.57 -8.84
CA TYR A 361 11.21 -1.97 -9.41
C TYR A 361 10.99 -2.45 -10.83
N TYR A 362 12.04 -2.63 -11.62
CA TYR A 362 11.87 -2.89 -13.07
C TYR A 362 11.67 -4.38 -13.43
N THR A 363 12.36 -5.29 -12.72
CA THR A 363 12.36 -6.74 -13.02
C THR A 363 11.56 -7.51 -11.95
N ASN A 364 11.08 -6.88 -10.89
CA ASN A 364 10.28 -7.58 -9.89
C ASN A 364 8.91 -6.90 -9.82
N HIS A 365 7.95 -7.49 -9.08
CA HIS A 365 6.60 -6.94 -8.92
C HIS A 365 6.54 -5.87 -7.82
N ARG A 366 7.69 -5.37 -7.35
CA ARG A 366 7.82 -4.39 -6.30
C ARG A 366 6.96 -3.19 -6.71
N CYS A 367 6.31 -2.62 -5.71
CA CYS A 367 5.35 -1.56 -5.92
C CYS A 367 5.89 -0.41 -6.77
N ALA A 368 5.23 -0.15 -7.89
CA ALA A 368 5.60 0.97 -8.72
C ALA A 368 5.53 2.34 -8.00
N GLY A 369 4.61 2.46 -7.01
CA GLY A 369 4.23 3.72 -6.38
C GLY A 369 4.95 4.01 -5.07
N GLU A 370 6.05 3.28 -4.81
CA GLU A 370 6.66 3.39 -3.49
C GLU A 370 7.19 4.83 -3.31
N TRP A 371 7.84 5.37 -4.31
CA TRP A 371 8.43 6.71 -4.25
C TRP A 371 7.28 7.70 -4.07
N MET A 372 6.20 7.53 -4.83
CA MET A 372 5.00 8.37 -4.65
C MET A 372 4.45 8.32 -3.25
N THR A 373 4.41 7.10 -2.69
CA THR A 373 3.82 6.93 -1.37
C THR A 373 4.61 7.71 -0.33
N ILE A 374 5.93 7.63 -0.42
CA ILE A 374 6.80 8.30 0.52
C ILE A 374 6.53 9.81 0.45
N ILE A 375 6.46 10.34 -0.77
CA ILE A 375 6.29 11.77 -0.99
C ILE A 375 4.94 12.28 -0.46
N ILE A 376 3.87 11.56 -0.80
CA ILE A 376 2.54 11.90 -0.33
C ILE A 376 2.54 11.86 1.19
N MET A 377 3.17 10.83 1.74
CA MET A 377 3.20 10.72 3.20
C MET A 377 4.01 11.84 3.86
N GLU A 378 5.19 12.16 3.34
CA GLU A 378 5.99 13.24 3.88
C GLU A 378 5.17 14.55 3.92
N GLU A 379 4.53 14.92 2.81
CA GLU A 379 3.75 16.17 2.79
C GLU A 379 2.54 16.10 3.73
N SER A 380 1.94 14.89 3.86
CA SER A 380 0.73 14.76 4.66
C SER A 380 1.13 14.89 6.13
N MET A 381 2.25 14.24 6.52
CA MET A 381 2.68 14.29 7.92
C MET A 381 3.26 15.67 8.31
N LYS A 382 3.97 16.33 7.39
CA LYS A 382 4.45 17.70 7.65
C LYS A 382 3.25 18.65 7.84
N TYR A 383 2.18 18.42 7.06
CA TYR A 383 1.01 19.24 7.20
C TYR A 383 0.44 19.07 8.61
N PHE A 384 0.18 17.84 9.05
CA PHE A 384 -0.43 17.66 10.36
C PHE A 384 0.46 18.17 11.46
N ALA A 385 1.78 18.02 11.32
CA ALA A 385 2.68 18.44 12.39
C ALA A 385 2.93 19.95 12.38
N ARG A 386 2.97 20.57 11.18
CA ARG A 386 3.39 21.96 11.05
C ARG A 386 2.24 22.95 10.81
N ASN A 387 1.20 22.61 10.03
CA ASN A 387 0.30 23.62 9.49
C ASN A 387 -1.03 23.68 10.25
N ILE A 388 -1.37 22.68 11.10
CA ILE A 388 -2.54 22.77 11.96
C ILE A 388 -2.20 22.28 13.37
N SER A 389 -2.93 22.84 14.33
CA SER A 389 -3.05 22.32 15.68
C SER A 389 -4.47 21.76 15.79
N TYR A 390 -4.60 20.74 16.67
CA TYR A 390 -5.80 19.95 16.80
C TYR A 390 -5.67 19.14 18.10
N ASP A 391 -6.83 18.65 18.57
CA ASP A 391 -6.92 17.73 19.70
C ASP A 391 -7.43 16.38 19.16
N MET A 392 -6.85 15.35 19.74
CA MET A 392 -7.24 13.97 19.48
C MET A 392 -8.52 13.75 20.26
N LYS A 393 -9.61 13.43 19.55
CA LYS A 393 -10.90 13.27 20.18
C LYS A 393 -10.76 12.21 21.27
N LYS A 394 -11.35 12.45 22.44
CA LYS A 394 -11.22 11.55 23.58
C LYS A 394 -12.00 10.24 23.39
N ASP A 395 -13.24 10.32 22.91
CA ASP A 395 -14.11 9.15 22.89
C ASP A 395 -13.98 8.45 21.56
N GLN A 396 -12.88 7.69 21.40
CA GLN A 396 -12.70 6.91 20.22
C GLN A 396 -11.80 5.72 20.53
N ASP A 397 -11.86 4.75 19.64
CA ASP A 397 -10.94 3.62 19.67
C ASP A 397 -9.75 3.82 18.69
N LEU A 398 -8.60 4.18 19.26
CA LEU A 398 -7.39 4.50 18.52
C LEU A 398 -6.52 3.26 18.36
N SER A 399 -7.00 2.07 18.75
CA SER A 399 -6.14 0.91 18.67
C SER A 399 -6.10 0.46 17.23
N VAL A 400 -5.09 -0.40 16.97
CA VAL A 400 -4.93 -1.16 15.74
C VAL A 400 -4.98 -2.64 16.10
N ASN A 401 -6.03 -3.33 15.62
CA ASN A 401 -6.24 -4.74 15.90
C ASN A 401 -5.38 -5.58 14.95
N LEU A 402 -4.26 -6.06 15.49
CA LEU A 402 -3.31 -6.86 14.74
C LEU A 402 -3.93 -8.19 14.33
N ASN A 403 -5.04 -8.56 14.94
CA ASN A 403 -5.63 -9.87 14.62
C ASN A 403 -6.64 -9.76 13.50
N LYS A 404 -6.78 -8.57 12.86
CA LYS A 404 -7.75 -8.42 11.80
C LYS A 404 -7.21 -7.75 10.53
N LEU A 405 -7.18 -8.49 9.41
CA LEU A 405 -7.03 -7.91 8.09
C LEU A 405 -8.35 -7.20 7.82
N PRO A 406 -8.40 -6.02 7.19
CA PRO A 406 -7.22 -5.23 6.81
C PRO A 406 -6.70 -4.33 7.97
N GLY A 407 -5.39 -4.06 8.03
CA GLY A 407 -4.83 -3.16 9.06
C GLY A 407 -5.34 -1.72 9.00
N ARG A 408 -5.78 -1.18 10.15
CA ARG A 408 -6.11 0.23 10.20
C ARG A 408 -6.30 0.64 11.65
N VAL A 409 -6.33 1.95 11.90
CA VAL A 409 -6.77 2.51 13.17
C VAL A 409 -8.28 2.26 13.22
N VAL A 410 -8.76 1.63 14.29
CA VAL A 410 -10.18 1.28 14.37
C VAL A 410 -11.09 2.50 14.09
N SER A 411 -10.91 3.60 14.84
CA SER A 411 -11.73 4.81 14.66
C SER A 411 -11.50 5.54 13.33
N GLY A 412 -10.30 5.41 12.75
CA GLY A 412 -9.93 6.19 11.56
C GLY A 412 -9.00 7.37 11.90
N THR A 413 -8.87 7.64 13.20
CA THR A 413 -8.08 8.70 13.81
C THR A 413 -8.88 9.99 13.70
N ILE A 414 -9.67 10.30 14.74
CA ILE A 414 -10.60 11.41 14.73
C ILE A 414 -9.95 12.55 15.50
N ILE A 415 -9.88 13.69 14.82
CA ILE A 415 -9.37 14.87 15.49
C ILE A 415 -10.47 15.92 15.51
N GLU A 416 -10.21 16.96 16.32
CA GLU A 416 -11.16 18.04 16.46
C GLU A 416 -10.41 19.31 16.86
N ASN A 417 -11.17 20.42 16.86
CA ASN A 417 -10.64 21.77 17.09
C ASN A 417 -9.42 22.03 16.22
N VAL A 418 -9.55 21.76 14.94
CA VAL A 418 -8.44 22.04 14.05
C VAL A 418 -8.36 23.57 13.88
N ASN A 419 -7.15 24.15 14.09
CA ASN A 419 -6.84 25.53 13.76
C ASN A 419 -5.51 25.62 13.00
N ALA A 420 -5.51 26.45 11.95
CA ALA A 420 -4.29 26.79 11.25
C ALA A 420 -3.26 27.19 12.27
N LEU A 421 -2.04 26.69 12.11
CA LEU A 421 -0.91 27.02 12.95
C LEU A 421 0.02 27.84 12.08
N VAL A 422 0.04 29.11 12.33
CA VAL A 422 0.77 30.09 11.55
C VAL A 422 1.51 30.91 12.60
N ASN A 423 2.76 31.23 12.36
CA ASN A 423 3.39 32.20 13.22
C ASN A 423 3.29 33.58 12.56
N ARG A 424 2.46 34.44 13.17
CA ARG A 424 2.18 35.74 12.60
C ARG A 424 3.22 36.70 13.13
N ASN A 425 3.64 36.43 14.36
CA ASN A 425 4.65 37.24 15.05
C ASN A 425 4.21 38.70 15.14
N VAL A 426 2.98 38.92 15.58
CA VAL A 426 2.45 40.24 15.62
C VAL A 426 2.46 40.64 17.08
N GLU A 427 3.03 41.80 17.34
CA GLU A 427 3.08 42.35 18.67
C GLU A 427 1.95 43.38 18.81
N SER A 428 0.85 42.98 19.46
CA SER A 428 -0.28 43.91 19.61
C SER A 428 0.17 45.28 20.09
N VAL A 429 -0.30 46.40 19.49
CA VAL A 429 0.04 47.70 19.96
C VAL A 429 -1.12 48.18 20.86
CHA HEM B . 2.34 -3.58 -6.29
CHA HEM B . 2.47 -3.57 -6.10
CHB HEM B . 1.63 -2.30 -1.83
CHB HEM B . 1.09 0.80 -7.75
CHC HEM B . 0.61 2.15 -3.11
CHC HEM B . 0.70 2.30 -3.22
CHD HEM B . 1.31 0.95 -7.68
CHD HEM B . 1.82 -2.12 -1.59
C1A HEM B . 2.31 -3.70 -4.92
C1A HEM B . 2.07 -2.52 -6.98
C2A HEM B . 2.49 -4.86 -4.16
C2A HEM B . 1.94 -2.62 -8.37
C3A HEM B . 2.32 -4.47 -2.87
C3A HEM B . 1.52 -1.38 -8.83
C4A HEM B . 1.99 -3.09 -2.88
C4A HEM B . 1.42 -0.56 -7.74
CMA HEM B . 2.46 -5.34 -1.64
CMA HEM B . 1.27 -1.05 -10.29
CAA HEM B . 2.89 -6.22 -4.67
CAA HEM B . 2.21 -3.84 -9.23
CBA HEM B . 4.39 -6.54 -4.65
CBA HEM B . 3.60 -3.97 -9.88
CGA HEM B . 4.76 -7.93 -5.16
CGA HEM B . 3.93 -5.13 -10.83
O1A HEM B . 5.96 -8.33 -5.05
O1A HEM B . 3.06 -6.02 -11.07
O2A HEM B . 3.84 -8.61 -5.65
O2A HEM B . 5.11 -5.14 -11.36
C1B HEM B . 1.11 -1.01 -1.77
C1B HEM B . 1.00 1.63 -6.64
C2B HEM B . 0.59 -0.37 -0.66
C2B HEM B . 0.81 2.99 -6.72
C3B HEM B . 0.33 0.96 -1.01
C3B HEM B . 0.77 3.54 -5.45
C4B HEM B . 0.64 1.01 -2.36
C4B HEM B . 0.86 2.43 -4.59
CMB HEM B . 0.36 -0.90 0.72
CMB HEM B . 0.81 3.88 -7.94
CAB HEM B . -0.27 2.06 -0.24
CAB HEM B . 0.64 4.98 -5.58
CBB HEM B . -0.73 2.11 1.01
CBB HEM B . 1.11 5.98 -4.93
C1C HEM B . 0.87 2.23 -4.44
C1C HEM B . 0.80 1.16 -2.45
C2C HEM B . 0.74 3.40 -5.16
C2C HEM B . 0.61 1.19 -1.08
C3C HEM B . 0.92 3.08 -6.52
C3C HEM B . 0.89 -0.05 -0.57
C4C HEM B . 1.13 1.71 -6.54
C4C HEM B . 1.29 -0.82 -1.66
CMC HEM B . 0.51 4.73 -4.54
CMC HEM B . 0.13 2.36 -0.28
CAC HEM B . 0.93 4.00 -7.68
CAC HEM B . 0.73 -0.33 0.86
CBC HEM B . 1.22 3.68 -8.92
CBC HEM B . 0.99 -1.39 1.45
C1D HEM B . 1.55 -0.41 -7.72
C1D HEM B . 2.26 -2.91 -2.63
C2D HEM B . 1.69 -1.20 -8.84
C2D HEM B . 2.74 -4.23 -2.57
C3D HEM B . 1.98 -2.46 -8.42
C3D HEM B . 2.89 -4.67 -3.86
C4D HEM B . 2.05 -2.43 -7.03
C4D HEM B . 2.55 -3.59 -4.69
CMD HEM B . 1.52 -0.84 -10.29
CMD HEM B . 3.05 -5.05 -1.33
CAD HEM B . 2.26 -3.65 -9.31
CAD HEM B . 3.41 -6.01 -4.28
CBD HEM B . 3.68 -3.70 -9.90
CBD HEM B . 4.89 -6.35 -4.16
CGD HEM B . 4.30 -5.01 -10.39
CGD HEM B . 5.21 -7.70 -4.80
O1D HEM B . 5.37 -5.02 -11.08
O1D HEM B . 4.24 -8.27 -5.40
O2D HEM B . 3.69 -6.07 -10.10
O2D HEM B . 6.38 -8.20 -4.66
NA HEM B . 1.99 -2.63 -4.11
NA HEM B . 1.72 -1.23 -6.56
NB HEM B . 1.15 -0.18 -2.83
NB HEM B . 1.03 1.28 -5.34
NC HEM B . 1.12 1.24 -5.23
NC HEM B . 1.24 -0.06 -2.83
ND HEM B . 1.76 -1.13 -6.54
ND HEM B . 2.12 -2.53 -3.91
FE HEM B . 1.83 -0.56 -4.59
FE HEM B . 1.54 -0.68 -4.74
CA ELA C . -0.62 -5.60 -2.76
C ELA C . -1.47 -4.44 -3.29
O ELA C . -1.01 -3.94 -4.44
C3 ELA C . -1.27 -6.72 -2.03
C4 ELA C . -2.10 -6.39 -0.79
C5 ELA C . -2.59 -7.69 -0.20
C6 ELA C . -1.84 -8.99 -0.51
C7 ELA C . -2.56 -10.18 -1.07
C8 ELA C . -3.11 -11.16 -0.07
C9 ELA C . -2.48 -12.44 -0.32
C10 ELA C . -3.02 -13.59 -0.59
C11 ELA C . -2.04 -14.74 -0.55
C12 ELA C . -2.39 -16.18 -0.30
C13 ELA C . -2.12 -16.47 1.16
C14 ELA C . -1.99 -17.94 1.21
C15 ELA C . -2.15 -18.68 2.51
C16 ELA C . -1.86 -17.99 3.81
C17 ELA C . -0.45 -17.85 4.13
C18 ELA C . -0.24 -17.80 5.61
OXT ELA C . -2.48 -4.07 -2.52
C ACT D . -1.81 -32.06 8.18
O ACT D . -2.45 -32.51 7.13
OXT ACT D . -0.69 -31.49 8.16
CH3 ACT D . -2.43 -32.14 9.49
C ACT E . -3.87 -1.45 -3.32
O ACT E . -4.97 -0.90 -3.35
OXT ACT E . -3.44 -2.24 -4.22
CH3 ACT E . -2.89 -1.09 -2.13
#